data_3GT3
#
_entry.id   3GT3
#
_cell.length_a   67.840
_cell.length_b   67.840
_cell.length_c   101.770
_cell.angle_alpha   90.00
_cell.angle_beta   90.00
_cell.angle_gamma   90.00
#
_symmetry.space_group_name_H-M   'P 43 21 2'
#
loop_
_entity.id
_entity.type
_entity.pdbx_description
1 polymer 'Proteinase K'
2 non-polymer '5-amino-2,4,6-tribromobenzene-1,3-dicarboxylic acid'
3 non-polymer 'SULFATE ION'
4 water water
#
_entity_poly.entity_id   1
_entity_poly.type   'polypeptide(L)'
_entity_poly.pdbx_seq_one_letter_code
;AAQTNAPWGLARISSTSPGTSTYYYDESAGQGSCVYVIDTGIEASHPEFEGRAQMVKTYYYSSRDGNGHGTHCAGTVGSR
TYGVAKKTQLFGVKVLDDNGSGQYSTIIAGMDFVASDKNNRNCPKGVVASLSLGGGYSSSVNSAAARLQSSGVMVAVAAG
NNNADARNYSPASEPSVCTVGASDRYDRRSSFSNYGSVLDIFGPGTDILSTWIGGSTRSISGTSMATPHVAGLAAYLMTL
GKTTAASACRYIADTANKGDLSNIPFGTVNLLAYNNYQA
;
_entity_poly.pdbx_strand_id   A
#
loop_
_chem_comp.id
_chem_comp.type
_chem_comp.name
_chem_comp.formula
BRV non-polymer '5-amino-2,4,6-tribromobenzene-1,3-dicarboxylic acid' 'C8 H4 Br3 N O4'
SO4 non-polymer 'SULFATE ION' 'O4 S -2'
#
# COMPACT_ATOMS: atom_id res chain seq x y z
N ALA A 1 -2.21 21.46 -2.38
CA ALA A 1 -3.56 21.13 -2.84
C ALA A 1 -4.40 20.61 -1.69
N ALA A 2 -5.71 20.80 -1.79
CA ALA A 2 -6.65 20.41 -0.75
C ALA A 2 -7.82 19.66 -1.41
N GLN A 3 -8.13 18.51 -0.93
CA GLN A 3 -9.28 17.71 -1.29
C GLN A 3 -10.28 17.70 -0.14
N THR A 4 -11.40 18.41 -0.36
CA THR A 4 -12.41 18.44 0.68
C THR A 4 -13.21 17.15 0.67
N ASN A 5 -13.78 16.87 1.84
CA ASN A 5 -14.62 15.68 2.02
CA ASN A 5 -14.62 15.69 2.03
C ASN A 5 -13.94 14.40 1.51
N ALA A 6 -12.70 14.28 1.95
CA ALA A 6 -11.85 13.14 1.58
C ALA A 6 -12.16 11.96 2.48
N PRO A 7 -11.84 10.75 2.03
CA PRO A 7 -11.90 9.61 2.96
C PRO A 7 -11.04 9.90 4.20
N TRP A 8 -11.48 9.38 5.35
CA TRP A 8 -10.78 9.76 6.58
C TRP A 8 -9.29 9.43 6.54
N GLY A 9 -8.95 8.30 5.91
CA GLY A 9 -7.54 7.90 5.90
C GLY A 9 -6.65 8.84 5.13
N LEU A 10 -7.14 9.40 4.01
CA LEU A 10 -6.34 10.40 3.30
C LEU A 10 -6.17 11.65 4.18
N ALA A 11 -7.28 12.11 4.81
CA ALA A 11 -7.14 13.25 5.71
C ALA A 11 -6.16 12.92 6.83
N ARG A 12 -6.16 11.68 7.29
CA ARG A 12 -5.31 11.32 8.44
C ARG A 12 -3.84 11.41 8.05
N ILE A 13 -3.49 10.94 6.86
CA ILE A 13 -2.14 10.92 6.31
CA ILE A 13 -2.05 10.91 6.56
C ILE A 13 -1.51 12.29 6.25
N SER A 14 -2.34 13.34 6.12
CA SER A 14 -1.81 14.69 6.01
C SER A 14 -2.12 15.54 7.26
N SER A 15 -2.44 14.87 8.37
CA SER A 15 -2.79 15.60 9.59
C SER A 15 -1.96 15.22 10.83
N THR A 16 -1.74 16.26 11.69
CA THR A 16 -1.19 15.98 13.01
C THR A 16 -2.23 15.50 14.00
N SER A 17 -3.50 15.46 13.64
CA SER A 17 -4.63 15.13 14.51
C SER A 17 -5.64 14.28 13.76
N PRO A 18 -6.30 13.36 14.46
CA PRO A 18 -7.47 12.67 13.90
C PRO A 18 -8.66 13.61 13.87
N GLY A 19 -9.67 13.20 13.14
CA GLY A 19 -10.95 13.87 13.16
C GLY A 19 -11.14 14.98 12.17
N THR A 20 -10.30 15.06 11.14
CA THR A 20 -10.51 16.04 10.09
C THR A 20 -10.85 15.26 8.82
N SER A 21 -11.26 16.01 7.79
CA SER A 21 -11.82 15.40 6.60
C SER A 21 -11.31 16.02 5.30
N THR A 22 -10.26 16.82 5.31
CA THR A 22 -9.63 17.39 4.13
C THR A 22 -8.25 16.79 3.94
N TYR A 23 -7.92 16.33 2.76
CA TYR A 23 -6.60 15.81 2.43
C TYR A 23 -5.76 16.92 1.80
N TYR A 24 -4.58 17.14 2.37
CA TYR A 24 -3.64 18.15 1.89
C TYR A 24 -2.37 17.49 1.34
N TYR A 25 -2.00 17.92 0.13
CA TYR A 25 -0.85 17.29 -0.49
C TYR A 25 -0.24 18.19 -1.56
N ASP A 26 1.06 18.02 -1.81
CA ASP A 26 1.67 18.69 -2.94
C ASP A 26 1.12 18.25 -4.29
N GLU A 27 0.84 19.23 -5.14
CA GLU A 27 0.18 19.01 -6.43
C GLU A 27 0.95 18.07 -7.33
N SER A 28 2.24 17.88 -7.10
CA SER A 28 3.01 16.92 -7.92
C SER A 28 2.36 15.55 -7.84
N ALA A 29 1.84 15.16 -6.69
CA ALA A 29 0.94 14.01 -6.54
C ALA A 29 1.44 12.69 -7.11
N GLY A 30 2.76 12.48 -6.99
CA GLY A 30 3.33 11.21 -7.42
C GLY A 30 3.52 11.10 -8.92
N GLN A 31 3.37 12.21 -9.64
CA GLN A 31 3.65 12.19 -11.08
C GLN A 31 5.07 11.71 -11.33
N GLY A 32 5.25 10.82 -12.32
CA GLY A 32 6.58 10.36 -12.64
C GLY A 32 7.02 9.14 -11.87
N SER A 33 6.23 8.73 -10.89
CA SER A 33 6.46 7.51 -10.12
C SER A 33 5.56 6.39 -10.64
N CYS A 34 5.79 5.18 -10.18
CA CYS A 34 5.05 3.99 -10.55
C CYS A 34 4.80 3.15 -9.30
N VAL A 35 3.57 2.67 -9.19
CA VAL A 35 3.25 1.70 -8.17
C VAL A 35 2.65 0.43 -8.76
N TYR A 36 3.33 -0.69 -8.45
CA TYR A 36 2.77 -1.98 -8.78
C TYR A 36 1.84 -2.46 -7.67
N VAL A 37 0.64 -2.90 -8.03
CA VAL A 37 -0.31 -3.47 -7.09
C VAL A 37 -0.38 -4.96 -7.39
N ILE A 38 0.18 -5.75 -6.51
CA ILE A 38 0.37 -7.20 -6.75
C ILE A 38 -0.76 -7.87 -5.98
N ASP A 39 -1.80 -8.34 -6.66
CA ASP A 39 -3.10 -8.57 -6.02
C ASP A 39 -4.02 -9.32 -6.93
N THR A 40 -5.33 -9.11 -6.83
CA THR A 40 -6.32 -9.79 -7.67
C THR A 40 -6.48 -9.11 -9.03
N GLY A 41 -5.72 -8.07 -9.31
CA GLY A 41 -5.89 -7.30 -10.55
C GLY A 41 -6.36 -5.90 -10.23
N ILE A 42 -6.63 -5.14 -11.29
CA ILE A 42 -7.11 -3.77 -11.23
C ILE A 42 -8.12 -3.58 -12.38
N GLU A 43 -9.30 -3.08 -12.06
CA GLU A 43 -10.24 -2.65 -13.10
C GLU A 43 -9.81 -1.28 -13.63
N ALA A 44 -8.93 -1.34 -14.62
CA ALA A 44 -8.27 -0.14 -15.11
C ALA A 44 -9.22 0.85 -15.78
N SER A 45 -10.33 0.33 -16.31
CA SER A 45 -11.35 1.15 -16.94
C SER A 45 -12.17 1.97 -15.96
N HIS A 46 -11.98 1.72 -14.65
CA HIS A 46 -12.74 2.54 -13.70
C HIS A 46 -12.46 4.02 -13.92
N PRO A 47 -13.47 4.89 -14.03
CA PRO A 47 -13.19 6.31 -14.23
C PRO A 47 -12.24 6.93 -13.21
N GLU A 48 -12.24 6.38 -12.01
CA GLU A 48 -11.36 6.90 -10.96
C GLU A 48 -9.89 6.78 -11.31
N PHE A 49 -9.51 5.88 -12.22
CA PHE A 49 -8.06 5.78 -12.54
C PHE A 49 -7.60 6.67 -13.67
N GLU A 50 -8.54 7.23 -14.43
CA GLU A 50 -8.21 8.26 -15.40
C GLU A 50 -7.23 7.86 -16.49
N GLY A 51 -7.14 6.60 -16.83
CA GLY A 51 -6.21 6.13 -17.82
C GLY A 51 -4.81 5.85 -17.29
N ARG A 52 -4.62 6.06 -15.99
CA ARG A 52 -3.30 5.88 -15.39
C ARG A 52 -3.06 4.46 -14.86
N ALA A 53 -4.06 3.58 -14.95
CA ALA A 53 -3.90 2.20 -14.51
C ALA A 53 -3.84 1.28 -15.71
N GLN A 54 -3.08 0.20 -15.57
CA GLN A 54 -2.98 -0.82 -16.60
CA GLN A 54 -3.07 -0.85 -16.58
C GLN A 54 -2.64 -2.17 -15.95
N MET A 55 -3.17 -3.26 -16.49
CA MET A 55 -2.69 -4.58 -16.14
C MET A 55 -1.44 -4.91 -16.94
N VAL A 56 -0.41 -5.43 -16.28
CA VAL A 56 0.83 -5.77 -16.98
C VAL A 56 1.15 -7.26 -16.90
N LYS A 57 0.52 -8.00 -16.00
CA LYS A 57 0.80 -9.42 -15.88
C LYS A 57 -0.35 -10.11 -15.17
N THR A 58 -0.69 -11.30 -15.63
CA THR A 58 -1.53 -12.22 -14.91
C THR A 58 -1.04 -13.64 -14.98
N TYR A 59 -1.35 -14.43 -13.97
CA TYR A 59 -1.04 -15.87 -13.93
C TYR A 59 -2.29 -16.71 -14.11
N TYR A 60 -3.42 -16.08 -14.43
CA TYR A 60 -4.70 -16.75 -14.59
C TYR A 60 -5.31 -16.49 -15.96
N TYR A 61 -6.53 -17.00 -16.18
CA TYR A 61 -7.12 -16.91 -17.52
C TYR A 61 -7.48 -15.49 -17.92
N SER A 62 -7.60 -14.58 -16.95
CA SER A 62 -7.84 -13.19 -17.29
C SER A 62 -6.92 -12.29 -16.44
N SER A 63 -6.63 -11.08 -16.93
CA SER A 63 -6.02 -10.08 -16.07
C SER A 63 -7.05 -9.20 -15.39
N ARG A 64 -8.35 -9.41 -15.66
CA ARG A 64 -9.37 -8.64 -14.98
C ARG A 64 -9.43 -9.00 -13.50
N ASP A 65 -9.75 -7.96 -12.71
CA ASP A 65 -10.11 -8.15 -11.31
C ASP A 65 -11.55 -8.65 -11.17
N GLY A 66 -11.75 -9.94 -10.97
CA GLY A 66 -13.09 -10.42 -10.72
C GLY A 66 -13.47 -10.53 -9.25
N ASN A 67 -12.65 -9.90 -8.39
CA ASN A 67 -12.84 -9.91 -6.96
C ASN A 67 -13.21 -8.53 -6.41
N GLY A 68 -12.38 -7.52 -6.70
CA GLY A 68 -12.54 -6.21 -6.13
C GLY A 68 -11.37 -5.80 -5.23
N HIS A 69 -10.77 -6.78 -4.56
CA HIS A 69 -9.74 -6.41 -3.57
C HIS A 69 -8.62 -5.58 -4.16
N GLY A 70 -8.05 -6.05 -5.27
CA GLY A 70 -6.97 -5.35 -5.94
C GLY A 70 -7.31 -3.96 -6.42
N THR A 71 -8.54 -3.84 -6.96
CA THR A 71 -9.06 -2.56 -7.40
C THR A 71 -9.19 -1.58 -6.23
N HIS A 72 -9.64 -2.12 -5.08
CA HIS A 72 -9.74 -1.27 -3.89
C HIS A 72 -8.37 -0.75 -3.45
N CYS A 73 -7.39 -1.66 -3.34
CA CYS A 73 -6.04 -1.30 -2.94
C CYS A 73 -5.46 -0.30 -3.95
N ALA A 74 -5.61 -0.58 -5.24
CA ALA A 74 -5.09 0.35 -6.25
C ALA A 74 -5.73 1.73 -6.13
N GLY A 75 -7.04 1.74 -5.78
CA GLY A 75 -7.74 3.00 -5.58
C GLY A 75 -7.12 3.84 -4.47
N THR A 76 -6.71 3.16 -3.38
CA THR A 76 -6.10 3.88 -2.26
C THR A 76 -4.72 4.39 -2.60
N VAL A 77 -3.98 3.63 -3.43
CA VAL A 77 -2.71 4.15 -3.91
C VAL A 77 -2.86 5.43 -4.73
N GLY A 78 -3.71 5.36 -5.74
CA GLY A 78 -3.66 6.30 -6.81
C GLY A 78 -4.93 6.73 -7.51
N SER A 79 -6.13 6.40 -7.04
CA SER A 79 -7.34 6.96 -7.68
C SER A 79 -7.49 8.44 -7.41
N ARG A 80 -8.22 9.10 -8.30
CA ARG A 80 -8.40 10.53 -8.24
C ARG A 80 -9.06 10.97 -6.93
N THR A 81 -10.09 10.27 -6.45
CA THR A 81 -10.81 10.63 -5.24
C THR A 81 -10.26 9.89 -4.04
N TYR A 82 -9.94 8.62 -4.16
CA TYR A 82 -9.68 7.78 -3.00
C TYR A 82 -8.17 7.57 -2.80
N GLY A 83 -7.30 8.12 -3.64
CA GLY A 83 -5.89 7.75 -3.59
C GLY A 83 -5.00 8.79 -3.00
N VAL A 84 -3.90 8.29 -2.46
CA VAL A 84 -2.86 9.11 -1.87
C VAL A 84 -2.02 9.86 -2.90
N ALA A 85 -1.66 9.17 -3.99
CA ALA A 85 -0.76 9.67 -5.01
C ALA A 85 -1.54 9.74 -6.32
N LYS A 86 -2.24 10.85 -6.50
CA LYS A 86 -3.31 10.91 -7.48
C LYS A 86 -2.81 11.03 -8.92
N LYS A 87 -1.50 11.13 -9.13
CA LYS A 87 -0.97 11.19 -10.49
C LYS A 87 0.05 10.11 -10.71
N THR A 88 0.16 9.11 -9.85
CA THR A 88 1.06 8.00 -10.14
C THR A 88 0.53 7.15 -11.28
N GLN A 89 1.43 6.33 -11.86
CA GLN A 89 1.09 5.27 -12.78
C GLN A 89 0.96 3.96 -12.02
N LEU A 90 -0.13 3.25 -12.24
CA LEU A 90 -0.50 2.06 -11.52
C LEU A 90 -0.35 0.85 -12.45
N PHE A 91 0.38 -0.15 -12.01
CA PHE A 91 0.56 -1.36 -12.79
C PHE A 91 0.01 -2.54 -12.03
N GLY A 92 -0.93 -3.29 -12.62
CA GLY A 92 -1.47 -4.44 -11.95
C GLY A 92 -0.76 -5.73 -12.31
N VAL A 93 -0.49 -6.52 -11.30
CA VAL A 93 0.09 -7.85 -11.42
C VAL A 93 -0.83 -8.82 -10.69
N LYS A 94 -1.55 -9.66 -11.44
CA LYS A 94 -2.60 -10.50 -10.84
C LYS A 94 -1.99 -11.83 -10.40
N VAL A 95 -1.57 -11.89 -9.14
CA VAL A 95 -1.11 -13.13 -8.53
C VAL A 95 -2.16 -13.88 -7.70
N LEU A 96 -3.29 -13.21 -7.46
CA LEU A 96 -4.39 -13.77 -6.73
C LEU A 96 -5.58 -14.00 -7.65
N ASP A 97 -6.23 -15.14 -7.48
CA ASP A 97 -7.40 -15.49 -8.30
C ASP A 97 -8.60 -14.65 -7.88
N ASP A 98 -9.72 -14.86 -8.55
CA ASP A 98 -10.87 -13.99 -8.27
C ASP A 98 -11.57 -14.31 -6.96
N ASN A 99 -11.12 -15.37 -6.30
CA ASN A 99 -11.55 -15.66 -4.93
C ASN A 99 -10.59 -15.02 -3.91
N GLY A 100 -9.53 -14.33 -4.32
CA GLY A 100 -8.62 -13.67 -3.37
C GLY A 100 -7.48 -14.55 -2.92
N SER A 101 -7.32 -15.75 -3.53
CA SER A 101 -6.30 -16.70 -3.15
C SER A 101 -5.22 -16.83 -4.20
N GLY A 102 -4.09 -17.33 -3.74
CA GLY A 102 -2.98 -17.58 -4.69
C GLY A 102 -1.91 -18.41 -4.03
N GLN A 103 -1.28 -19.25 -4.84
CA GLN A 103 -0.17 -20.04 -4.38
C GLN A 103 1.08 -19.20 -4.17
N TYR A 104 1.86 -19.56 -3.16
CA TYR A 104 3.10 -18.82 -2.95
C TYR A 104 4.04 -18.85 -4.13
N SER A 105 4.06 -19.94 -4.88
CA SER A 105 5.00 -19.94 -6.00
C SER A 105 4.62 -18.87 -7.03
N THR A 106 3.34 -18.65 -7.17
CA THR A 106 2.82 -17.63 -8.08
C THR A 106 3.14 -16.23 -7.58
N ILE A 107 2.93 -16.03 -6.27
CA ILE A 107 3.26 -14.75 -5.64
C ILE A 107 4.76 -14.44 -5.78
N ILE A 108 5.62 -15.43 -5.57
CA ILE A 108 7.06 -15.24 -5.74
C ILE A 108 7.39 -14.86 -7.16
N ALA A 109 6.81 -15.58 -8.13
CA ALA A 109 7.04 -15.27 -9.52
C ALA A 109 6.63 -13.81 -9.82
N GLY A 110 5.47 -13.38 -9.26
CA GLY A 110 5.04 -12.02 -9.48
C GLY A 110 5.96 -10.97 -8.90
N MET A 111 6.58 -11.25 -7.75
CA MET A 111 7.57 -10.34 -7.19
C MET A 111 8.79 -10.24 -8.08
N ASP A 112 9.33 -11.40 -8.48
CA ASP A 112 10.48 -11.34 -9.37
C ASP A 112 10.13 -10.70 -10.70
N PHE A 113 8.89 -10.88 -11.17
CA PHE A 113 8.41 -10.20 -12.36
C PHE A 113 8.59 -8.67 -12.25
N VAL A 114 8.11 -8.15 -11.09
CA VAL A 114 8.13 -6.70 -10.93
C VAL A 114 9.56 -6.18 -10.91
N ALA A 115 10.45 -6.93 -10.26
CA ALA A 115 11.84 -6.50 -10.18
C ALA A 115 12.45 -6.33 -11.56
N SER A 116 12.07 -7.19 -12.50
CA SER A 116 12.54 -7.01 -13.87
C SER A 116 11.70 -6.04 -14.68
N ASP A 117 10.37 -6.15 -14.50
CA ASP A 117 9.48 -5.39 -15.35
C ASP A 117 9.62 -3.90 -15.20
N LYS A 118 10.10 -3.44 -14.05
CA LYS A 118 10.26 -1.99 -13.92
C LYS A 118 11.22 -1.42 -14.95
N ASN A 119 12.12 -2.27 -15.47
CA ASN A 119 13.05 -1.86 -16.50
C ASN A 119 12.38 -1.69 -17.86
N ASN A 120 11.12 -2.05 -17.94
CA ASN A 120 10.30 -1.87 -19.12
C ASN A 120 9.32 -0.72 -19.00
N ARG A 121 9.39 0.01 -17.89
CA ARG A 121 8.45 1.09 -17.60
C ARG A 121 9.20 2.39 -17.38
N ASN A 122 8.52 3.52 -17.56
CA ASN A 122 9.04 4.85 -17.32
C ASN A 122 8.59 5.40 -15.97
N CYS A 123 9.53 5.44 -15.05
CA CYS A 123 9.28 5.75 -13.64
C CYS A 123 10.45 6.58 -13.14
N PRO A 124 10.67 7.75 -13.72
CA PRO A 124 11.86 8.55 -13.41
C PRO A 124 11.95 8.94 -11.92
N LYS A 125 10.80 9.01 -11.25
CA LYS A 125 10.80 9.37 -9.81
C LYS A 125 10.84 8.16 -8.90
N GLY A 126 10.78 6.96 -9.45
CA GLY A 126 10.93 5.76 -8.65
C GLY A 126 9.74 4.83 -8.68
N VAL A 127 9.96 3.67 -8.09
CA VAL A 127 9.08 2.52 -8.23
C VAL A 127 8.74 1.96 -6.84
N VAL A 128 7.46 1.65 -6.65
CA VAL A 128 6.90 1.13 -5.42
C VAL A 128 6.14 -0.15 -5.75
N ALA A 129 6.08 -1.10 -4.81
CA ALA A 129 5.23 -2.27 -4.97
C ALA A 129 4.38 -2.40 -3.70
N SER A 130 3.10 -2.63 -3.89
CA SER A 130 2.15 -2.77 -2.78
C SER A 130 1.62 -4.19 -2.77
N LEU A 131 1.84 -4.90 -1.66
CA LEU A 131 1.51 -6.29 -1.47
CA LEU A 131 1.54 -6.29 -1.45
C LEU A 131 0.53 -6.49 -0.30
N SER A 132 -0.74 -6.39 -0.62
CA SER A 132 -1.84 -6.56 0.33
C SER A 132 -2.26 -8.03 0.34
N LEU A 133 -1.33 -8.86 0.83
CA LEU A 133 -1.45 -10.31 0.75
C LEU A 133 -0.50 -10.91 1.77
N GLY A 134 -0.72 -12.20 2.06
CA GLY A 134 0.27 -12.90 2.87
C GLY A 134 -0.35 -14.21 3.36
N GLY A 135 0.55 -15.02 3.91
CA GLY A 135 0.15 -16.21 4.64
C GLY A 135 1.19 -16.55 5.69
N GLY A 136 1.32 -17.86 5.94
CA GLY A 136 2.19 -18.21 7.04
C GLY A 136 3.66 -18.06 6.66
N TYR A 137 4.56 -18.12 7.64
CA TYR A 137 5.98 -17.91 7.41
C TYR A 137 6.50 -18.79 6.28
N SER A 138 7.22 -18.14 5.37
CA SER A 138 7.94 -18.84 4.33
C SER A 138 9.23 -18.10 4.02
N SER A 139 10.38 -18.76 4.21
CA SER A 139 11.62 -18.07 3.89
C SER A 139 11.73 -17.72 2.41
N SER A 140 11.18 -18.54 1.53
CA SER A 140 11.25 -18.27 0.09
CA SER A 140 11.28 -18.26 0.09
C SER A 140 10.43 -17.03 -0.28
N VAL A 141 9.27 -16.89 0.36
CA VAL A 141 8.42 -15.71 0.09
C VAL A 141 9.12 -14.45 0.62
N ASN A 142 9.74 -14.55 1.80
CA ASN A 142 10.45 -13.39 2.33
C ASN A 142 11.61 -13.02 1.42
N SER A 143 12.34 -14.05 0.94
CA SER A 143 13.48 -13.79 0.08
CA SER A 143 13.50 -13.76 0.09
C SER A 143 13.12 -13.09 -1.22
N ALA A 144 11.97 -13.49 -1.75
CA ALA A 144 11.46 -12.80 -2.96
C ALA A 144 11.15 -11.33 -2.71
N ALA A 145 10.54 -11.10 -1.54
CA ALA A 145 10.26 -9.72 -1.19
C ALA A 145 11.53 -8.91 -0.98
N ALA A 146 12.52 -9.53 -0.35
CA ALA A 146 13.82 -8.92 -0.16
C ALA A 146 14.53 -8.62 -1.50
N ARG A 147 14.45 -9.53 -2.46
CA ARG A 147 15.05 -9.28 -3.77
C ARG A 147 14.40 -8.11 -4.46
N LEU A 148 13.07 -8.09 -4.40
CA LEU A 148 12.31 -6.99 -5.02
C LEU A 148 12.78 -5.66 -4.45
N GLN A 149 12.85 -5.58 -3.11
CA GLN A 149 13.36 -4.36 -2.45
C GLN A 149 14.78 -4.03 -2.90
N SER A 150 15.64 -5.04 -2.86
CA SER A 150 17.06 -4.87 -3.21
C SER A 150 17.21 -4.31 -4.63
N SER A 151 16.30 -4.70 -5.51
CA SER A 151 16.34 -4.33 -6.90
C SER A 151 16.01 -2.86 -7.10
N GLY A 152 15.55 -2.14 -6.08
CA GLY A 152 15.28 -0.72 -6.18
C GLY A 152 13.79 -0.39 -6.24
N VAL A 153 12.99 -1.23 -5.63
CA VAL A 153 11.57 -1.00 -5.47
C VAL A 153 11.24 -0.87 -4.00
N MET A 154 10.47 0.16 -3.66
CA MET A 154 9.98 0.33 -2.30
C MET A 154 8.88 -0.70 -2.11
N VAL A 155 9.12 -1.69 -1.31
CA VAL A 155 8.15 -2.75 -1.07
C VAL A 155 7.39 -2.52 0.23
N ALA A 156 6.08 -2.40 0.09
CA ALA A 156 5.18 -2.26 1.21
C ALA A 156 4.31 -3.51 1.31
N VAL A 157 4.26 -4.16 2.48
CA VAL A 157 3.51 -5.38 2.66
C VAL A 157 2.58 -5.29 3.87
N ALA A 158 1.45 -5.94 3.73
CA ALA A 158 0.49 -5.96 4.83
C ALA A 158 0.99 -6.79 6.02
N ALA A 159 0.76 -6.29 7.24
CA ALA A 159 1.17 -7.08 8.40
C ALA A 159 0.34 -8.33 8.64
N GLY A 160 -0.92 -8.31 8.21
CA GLY A 160 -1.85 -9.39 8.39
C GLY A 160 -2.94 -9.07 9.43
N ASN A 161 -3.97 -9.89 9.42
CA ASN A 161 -5.20 -9.54 10.11
CA ASN A 161 -5.22 -9.56 10.10
C ASN A 161 -5.53 -10.56 11.19
N ASN A 162 -4.51 -11.10 11.85
CA ASN A 162 -4.73 -12.15 12.83
C ASN A 162 -4.65 -11.68 14.28
N ASN A 163 -4.52 -10.36 14.48
CA ASN A 163 -4.31 -9.79 15.82
C ASN A 163 -3.25 -10.61 16.54
N ALA A 164 -2.13 -10.82 15.83
CA ALA A 164 -1.02 -11.61 16.29
C ALA A 164 0.31 -11.00 15.91
N ASP A 165 1.43 -11.56 16.40
CA ASP A 165 2.74 -11.14 15.99
C ASP A 165 2.99 -11.52 14.52
N ALA A 166 3.26 -10.49 13.73
CA ALA A 166 3.53 -10.61 12.31
C ALA A 166 4.81 -11.38 12.00
N ARG A 167 5.63 -11.70 12.99
CA ARG A 167 6.80 -12.57 12.78
C ARG A 167 6.47 -13.91 12.15
N ASN A 168 5.24 -14.41 12.31
CA ASN A 168 4.89 -15.72 11.82
C ASN A 168 4.16 -15.71 10.48
N TYR A 169 4.23 -14.58 9.76
CA TYR A 169 3.56 -14.39 8.49
C TYR A 169 4.54 -13.90 7.43
N SER A 170 4.29 -14.21 6.17
CA SER A 170 5.13 -13.72 5.07
C SER A 170 4.27 -13.11 3.97
N PRO A 171 4.73 -12.11 3.26
CA PRO A 171 6.04 -11.48 3.45
C PRO A 171 6.12 -10.50 4.61
N ALA A 172 5.08 -10.38 5.46
CA ALA A 172 5.16 -9.46 6.59
C ALA A 172 6.44 -9.51 7.43
N SER A 173 6.93 -10.74 7.64
CA SER A 173 8.07 -10.90 8.54
C SER A 173 9.41 -10.63 7.88
N GLU A 174 9.46 -10.30 6.60
CA GLU A 174 10.74 -9.98 5.98
C GLU A 174 11.26 -8.66 6.55
N PRO A 175 12.44 -8.64 7.21
CA PRO A 175 12.89 -7.39 7.81
C PRO A 175 13.15 -6.25 6.86
N SER A 176 13.57 -6.54 5.61
CA SER A 176 14.07 -5.47 4.75
C SER A 176 12.99 -4.72 3.98
N VAL A 177 11.73 -5.13 4.03
CA VAL A 177 10.61 -4.44 3.40
C VAL A 177 9.84 -3.66 4.45
N CYS A 178 8.82 -2.94 3.98
CA CYS A 178 8.08 -2.04 4.87
C CYS A 178 6.78 -2.74 5.25
N THR A 179 6.69 -3.21 6.49
CA THR A 179 5.57 -3.96 7.00
C THR A 179 4.55 -3.05 7.70
N VAL A 180 3.32 -3.09 7.25
CA VAL A 180 2.33 -2.06 7.56
C VAL A 180 1.17 -2.65 8.36
N GLY A 181 0.97 -2.08 9.56
CA GLY A 181 -0.20 -2.40 10.35
C GLY A 181 -1.31 -1.38 10.11
N ALA A 182 -2.48 -1.65 10.69
CA ALA A 182 -3.67 -0.84 10.47
C ALA A 182 -4.16 -0.13 11.72
N SER A 183 -4.63 1.10 11.50
CA SER A 183 -5.32 1.90 12.50
C SER A 183 -6.69 2.35 12.03
N ASP A 184 -7.46 2.84 13.01
CA ASP A 184 -8.82 3.32 12.76
C ASP A 184 -8.90 4.83 12.94
N ARG A 185 -10.10 5.36 12.70
CA ARG A 185 -10.24 6.81 12.59
C ARG A 185 -10.11 7.53 13.93
N TYR A 186 -10.11 6.74 15.02
CA TYR A 186 -9.88 7.30 16.34
C TYR A 186 -8.46 7.02 16.84
N ASP A 187 -7.55 6.67 15.94
CA ASP A 187 -6.14 6.46 16.25
C ASP A 187 -6.01 5.26 17.20
N ARG A 188 -6.85 4.27 17.06
CA ARG A 188 -6.71 2.98 17.73
C ARG A 188 -6.07 1.97 16.78
N ARG A 189 -5.23 1.09 17.30
CA ARG A 189 -4.86 -0.05 16.48
C ARG A 189 -6.11 -0.76 16.01
N SER A 190 -6.22 -1.02 14.72
CA SER A 190 -7.34 -1.84 14.27
C SER A 190 -7.42 -3.19 14.99
N SER A 191 -8.66 -3.66 15.22
CA SER A 191 -8.86 -4.78 16.13
C SER A 191 -8.18 -6.06 15.63
N PHE A 192 -8.10 -6.16 14.31
CA PHE A 192 -7.55 -7.33 13.64
C PHE A 192 -6.05 -7.18 13.35
N SER A 193 -5.48 -5.97 13.50
CA SER A 193 -4.14 -5.74 12.95
C SER A 193 -3.10 -6.60 13.63
N ASN A 194 -2.23 -7.27 12.87
CA ASN A 194 -1.06 -7.83 13.52
C ASN A 194 -0.16 -6.73 14.03
N TYR A 195 0.78 -7.17 14.87
CA TYR A 195 1.69 -6.29 15.57
C TYR A 195 3.05 -6.96 15.64
N GLY A 196 3.96 -6.38 16.41
CA GLY A 196 5.26 -6.96 16.68
C GLY A 196 6.41 -6.10 16.19
N SER A 197 7.62 -6.51 16.56
CA SER A 197 8.83 -5.78 16.21
C SER A 197 9.05 -5.63 14.71
N VAL A 198 8.47 -6.52 13.91
CA VAL A 198 8.76 -6.49 12.48
C VAL A 198 7.94 -5.40 11.80
N LEU A 199 6.92 -4.89 12.50
CA LEU A 199 6.21 -3.76 11.92
C LEU A 199 7.09 -2.54 11.81
N ASP A 200 6.93 -1.76 10.73
CA ASP A 200 7.65 -0.52 10.52
C ASP A 200 6.82 0.74 10.72
N ILE A 201 5.50 0.58 10.50
CA ILE A 201 4.61 1.73 10.35
C ILE A 201 3.17 1.24 10.39
N PHE A 202 2.26 2.11 10.83
CA PHE A 202 0.82 1.94 10.70
C PHE A 202 0.26 2.92 9.66
N GLY A 203 -0.82 2.47 8.98
CA GLY A 203 -1.61 3.38 8.17
C GLY A 203 -3.09 3.07 8.37
N PRO A 204 -3.93 3.98 7.89
CA PRO A 204 -5.40 3.77 8.02
C PRO A 204 -5.86 2.46 7.42
N GLY A 205 -6.58 1.66 8.18
CA GLY A 205 -7.06 0.37 7.71
C GLY A 205 -8.45 -0.08 8.04
N THR A 206 -9.16 0.66 8.90
CA THR A 206 -10.52 0.37 9.29
C THR A 206 -11.47 1.35 8.61
N ASP A 207 -12.42 0.76 7.86
CA ASP A 207 -13.48 1.49 7.18
C ASP A 207 -12.93 2.46 6.15
N ILE A 208 -12.22 1.92 5.17
CA ILE A 208 -11.54 2.64 4.11
C ILE A 208 -12.33 2.60 2.81
N LEU A 209 -12.81 3.77 2.42
CA LEU A 209 -13.55 3.92 1.15
C LEU A 209 -12.59 3.96 -0.04
N SER A 210 -12.85 3.19 -1.07
CA SER A 210 -12.07 3.16 -2.29
C SER A 210 -12.88 2.57 -3.44
N THR A 211 -12.24 2.44 -4.59
CA THR A 211 -12.82 1.89 -5.80
C THR A 211 -13.15 0.43 -5.62
N TRP A 212 -14.11 -0.01 -6.40
CA TRP A 212 -14.45 -1.42 -6.51
C TRP A 212 -14.81 -1.76 -7.96
N ILE A 213 -14.91 -3.03 -8.24
CA ILE A 213 -15.22 -3.48 -9.61
C ILE A 213 -16.66 -3.14 -9.96
N GLY A 214 -16.93 -3.19 -11.24
CA GLY A 214 -18.17 -2.65 -11.81
C GLY A 214 -18.29 -1.14 -11.70
N GLY A 215 -17.14 -0.45 -11.65
CA GLY A 215 -17.14 0.99 -11.63
C GLY A 215 -17.73 1.57 -10.37
N SER A 216 -17.57 0.86 -9.27
CA SER A 216 -18.26 1.18 -8.02
CA SER A 216 -18.28 1.21 -8.04
C SER A 216 -17.28 1.64 -6.96
N THR A 217 -17.79 1.76 -5.73
CA THR A 217 -16.96 2.10 -4.57
C THR A 217 -17.51 1.33 -3.37
N ARG A 218 -16.62 1.08 -2.37
CA ARG A 218 -17.11 0.58 -1.11
C ARG A 218 -16.04 0.78 -0.04
N SER A 219 -16.52 0.65 1.19
CA SER A 219 -15.68 0.77 2.39
C SER A 219 -15.46 -0.62 2.96
N ILE A 220 -14.20 -1.02 3.10
CA ILE A 220 -13.81 -2.27 3.71
C ILE A 220 -12.59 -2.04 4.61
N SER A 221 -12.20 -3.08 5.32
CA SER A 221 -11.18 -2.96 6.36
C SER A 221 -10.12 -4.07 6.26
N GLY A 222 -8.90 -3.70 6.63
CA GLY A 222 -7.83 -4.68 6.62
C GLY A 222 -6.47 -4.02 6.67
N THR A 223 -5.43 -4.81 7.02
CA THR A 223 -4.09 -4.30 6.75
C THR A 223 -3.83 -4.19 5.26
N SER A 224 -4.63 -4.89 4.46
CA SER A 224 -4.64 -4.72 3.01
C SER A 224 -4.96 -3.29 2.60
N MET A 225 -5.72 -2.58 3.41
CA MET A 225 -6.11 -1.20 3.12
C MET A 225 -5.08 -0.20 3.63
N ALA A 226 -4.38 -0.57 4.71
CA ALA A 226 -3.31 0.29 5.23
C ALA A 226 -2.10 0.32 4.32
N THR A 227 -1.75 -0.88 3.80
CA THR A 227 -0.55 -1.02 2.97
C THR A 227 -0.54 -0.04 1.81
N PRO A 228 -1.60 0.06 0.99
CA PRO A 228 -1.55 1.02 -0.12
C PRO A 228 -1.51 2.48 0.29
N HIS A 229 -1.98 2.84 1.50
CA HIS A 229 -1.71 4.21 1.96
C HIS A 229 -0.22 4.50 2.03
N VAL A 230 0.50 3.53 2.61
CA VAL A 230 1.96 3.67 2.71
C VAL A 230 2.64 3.61 1.36
N ALA A 231 2.20 2.69 0.50
CA ALA A 231 2.76 2.61 -0.84
C ALA A 231 2.57 3.91 -1.62
N GLY A 232 1.33 4.44 -1.60
CA GLY A 232 1.08 5.73 -2.23
C GLY A 232 1.87 6.87 -1.64
N LEU A 233 2.01 6.86 -0.29
CA LEU A 233 2.81 7.89 0.37
C LEU A 233 4.26 7.85 -0.11
N ALA A 234 4.82 6.63 -0.19
CA ALA A 234 6.18 6.47 -0.70
C ALA A 234 6.32 7.09 -2.10
N ALA A 235 5.38 6.73 -2.98
CA ALA A 235 5.43 7.23 -4.36
C ALA A 235 5.40 8.76 -4.37
N TYR A 236 4.49 9.33 -3.57
CA TYR A 236 4.39 10.78 -3.42
C TYR A 236 5.68 11.42 -2.93
N LEU A 237 6.27 10.82 -1.91
CA LEU A 237 7.49 11.40 -1.34
C LEU A 237 8.70 11.24 -2.29
N MET A 238 8.79 10.14 -3.02
CA MET A 238 9.80 9.93 -4.06
C MET A 238 9.68 10.97 -5.17
N THR A 239 8.45 11.24 -5.64
CA THR A 239 8.24 12.27 -6.63
C THR A 239 8.68 13.64 -6.10
N LEU A 240 8.45 13.91 -4.81
CA LEU A 240 8.97 15.14 -4.23
C LEU A 240 10.48 15.18 -4.08
N GLY A 241 11.17 14.08 -4.26
CA GLY A 241 12.62 14.06 -4.09
C GLY A 241 13.08 13.94 -2.65
N LYS A 242 12.16 13.63 -1.73
CA LYS A 242 12.58 13.67 -0.33
CA LYS A 242 12.45 13.61 -0.30
C LYS A 242 13.16 12.33 0.13
N THR A 243 13.02 11.28 -0.67
CA THR A 243 13.55 9.97 -0.31
C THR A 243 13.62 9.12 -1.58
N THR A 244 14.09 7.91 -1.42
CA THR A 244 14.33 6.92 -2.47
C THR A 244 13.67 5.61 -2.16
N ALA A 245 13.60 4.69 -3.16
CA ALA A 245 13.02 3.39 -2.88
C ALA A 245 13.70 2.66 -1.72
N ALA A 246 15.04 2.77 -1.64
CA ALA A 246 15.77 2.07 -0.62
C ALA A 246 15.59 2.69 0.78
N SER A 247 15.26 3.98 0.82
CA SER A 247 15.24 4.66 2.13
C SER A 247 13.84 5.11 2.56
N ALA A 248 12.83 4.86 1.72
CA ALA A 248 11.51 5.45 1.95
C ALA A 248 10.81 4.90 3.18
N CYS A 249 10.96 3.62 3.48
CA CYS A 249 10.31 3.08 4.67
C CYS A 249 10.87 3.77 5.91
N ARG A 250 12.19 3.87 6.00
CA ARG A 250 12.85 4.56 7.10
C ARG A 250 12.45 6.01 7.20
N TYR A 251 12.38 6.66 6.03
CA TYR A 251 11.95 8.06 5.96
C TYR A 251 10.52 8.23 6.49
N ILE A 252 9.63 7.34 6.06
CA ILE A 252 8.25 7.43 6.59
C ILE A 252 8.23 7.23 8.08
N ALA A 253 9.01 6.29 8.61
CA ALA A 253 9.05 6.13 10.07
C ALA A 253 9.65 7.35 10.75
N ASP A 254 10.70 7.93 10.18
CA ASP A 254 11.36 9.11 10.71
C ASP A 254 10.39 10.27 10.83
N THR A 255 9.47 10.39 9.86
CA THR A 255 8.63 11.56 9.72
C THR A 255 7.20 11.26 10.18
N ALA A 256 6.96 10.08 10.73
CA ALA A 256 5.64 9.65 11.19
C ALA A 256 5.13 10.48 12.36
N ASN A 257 3.81 10.53 12.54
CA ASN A 257 3.24 10.93 13.82
C ASN A 257 3.59 9.82 14.83
N LYS A 258 4.19 10.22 15.94
CA LYS A 258 4.76 9.31 16.95
C LYS A 258 3.97 9.32 18.26
N GLY A 259 3.72 8.13 18.77
CA GLY A 259 3.06 8.03 20.06
C GLY A 259 1.60 8.35 20.12
N ASP A 260 0.91 8.44 18.98
CA ASP A 260 -0.48 8.87 18.97
C ASP A 260 -1.48 7.74 18.88
N LEU A 261 -1.06 6.50 18.67
CA LEU A 261 -1.99 5.39 18.53
C LEU A 261 -2.23 4.69 19.86
N SER A 262 -3.43 4.23 20.12
CA SER A 262 -3.77 3.43 21.28
C SER A 262 -3.80 1.93 20.98
N ASN A 263 -3.62 1.11 22.02
CA ASN A 263 -3.54 -0.34 21.98
C ASN A 263 -2.40 -0.87 21.09
N ILE A 264 -1.27 -0.19 21.19
CA ILE A 264 -0.05 -0.65 20.55
C ILE A 264 0.72 -1.49 21.57
N PRO A 265 0.90 -2.77 21.33
CA PRO A 265 1.59 -3.59 22.33
C PRO A 265 3.02 -3.10 22.52
N PHE A 266 3.43 -3.27 23.79
CA PHE A 266 4.80 -3.00 24.14
C PHE A 266 5.75 -3.71 23.18
N GLY A 267 6.69 -2.95 22.62
CA GLY A 267 7.58 -3.50 21.63
C GLY A 267 7.25 -3.36 20.16
N THR A 268 6.06 -2.88 19.89
CA THR A 268 5.65 -2.48 18.56
C THR A 268 5.77 -0.99 18.39
N VAL A 269 6.21 -0.54 17.21
CA VAL A 269 6.33 0.89 16.98
C VAL A 269 4.98 1.62 17.06
N ASN A 270 5.08 2.85 17.55
CA ASN A 270 3.88 3.68 17.64
C ASN A 270 4.09 4.84 16.70
N LEU A 271 3.91 4.53 15.43
CA LEU A 271 4.24 5.38 14.31
C LEU A 271 3.11 5.30 13.29
N LEU A 272 2.57 6.45 12.94
CA LEU A 272 1.45 6.57 11.99
C LEU A 272 1.88 7.37 10.76
N ALA A 273 1.72 6.77 9.59
CA ALA A 273 2.18 7.41 8.34
C ALA A 273 1.65 8.81 8.20
N TYR A 274 2.53 9.73 7.82
CA TYR A 274 2.24 11.14 7.74
C TYR A 274 3.05 11.81 6.65
N ASN A 275 2.42 12.63 5.80
CA ASN A 275 3.16 13.19 4.68
C ASN A 275 3.87 14.49 5.01
N ASN A 276 3.69 15.03 6.22
CA ASN A 276 4.35 16.27 6.63
C ASN A 276 4.23 17.38 5.61
N TYR A 277 3.09 17.39 4.94
CA TYR A 277 2.86 18.44 3.98
C TYR A 277 2.36 19.72 4.65
N GLN A 278 3.11 20.78 4.36
CA GLN A 278 2.71 22.10 4.88
C GLN A 278 2.12 22.95 3.76
N ALA A 279 0.80 23.09 3.76
CA ALA A 279 0.14 23.84 2.68
C ALA A 279 0.77 25.21 2.51
C10 BRV B . 20.26 6.35 -2.55
C7 BRV B . 20.87 4.02 1.86
C5 BRV B . 23.21 4.37 -1.14
C4 BRV B . 22.37 5.10 -1.99
C3 BRV B . 21.12 5.54 -1.62
C2 BRV B . 20.61 5.22 -0.35
N13 BRV B . 24.43 3.93 -1.52
BR1 BRV B . 18.89 5.82 0.13
BR2 BRV B . 23.02 5.49 -3.74
BR3 BRV B . 23.85 3.23 1.34
C1 BRV B . 21.41 4.47 0.53
C6 BRV B . 22.68 4.10 0.13
O8 BRV B . 19.81 3.36 1.75
O9 BRV B . 21.42 4.26 2.94
O11 BRV B . 19.53 5.77 -3.39
O12 BRV B . 20.35 7.59 -2.38
C10 BRV C . 5.29 6.04 22.94
C7 BRV C . 8.97 6.77 26.40
C5 BRV C . 8.72 7.66 22.72
C4 BRV C . 7.45 7.16 22.43
C3 BRV C . 6.65 6.52 23.36
C2 BRV C . 7.14 6.36 24.66
N13 BRV C . 9.50 8.26 21.78
BR1 BRV C . 6.10 5.46 25.98
BR2 BRV C . 6.75 7.39 20.67
BR3 BRV C . 10.82 8.24 24.56
C1 BRV C . 8.39 6.86 25.01
C6 BRV C . 9.16 7.50 24.05
O8 BRV C . 9.55 5.69 26.68
O9 BRV C . 8.84 7.73 27.20
O11 BRV C . 5.19 4.96 22.33
O12 BRV C . 4.29 6.75 23.22
C10 BRV D . -9.03 -11.82 5.47
C7 BRV D . -6.06 -7.75 5.52
C5 BRV D . -5.32 -11.36 4.55
C4 BRV D . -6.61 -11.91 4.76
C3 BRV D . -7.69 -11.19 5.19
C2 BRV D . -7.52 -9.82 5.41
N13 BRV D . -4.25 -12.09 4.13
BR1 BRV D . -8.98 -8.71 5.93
BR2 BRV D . -6.75 -13.78 4.39
BR3 BRV D . -3.49 -9.21 4.59
C1 BRV D . -6.27 -9.23 5.24
C6 BRV D . -5.19 -9.99 4.82
O8 BRV D . -5.40 -7.56 6.56
O9 BRV D . -6.52 -6.88 4.75
O11 BRV D . -9.18 -12.63 6.41
O12 BRV D . -9.96 -11.49 4.70
S SO4 E . -5.71 -8.12 5.56
O1 SO4 E . -6.51 -7.10 4.87
O2 SO4 E . -5.07 -7.55 6.75
O3 SO4 E . -6.58 -9.24 5.95
O4 SO4 E . -4.67 -8.62 4.64
C10 BRV F . -13.32 13.50 18.45
C7 BRV F . -16.45 13.29 14.52
C5 BRV F . -13.03 11.67 15.10
C4 BRV F . -12.77 12.18 16.38
C3 BRV F . -13.64 13.02 17.06
C2 BRV F . -14.83 13.38 16.45
N13 BRV F . -12.15 10.87 14.44
BR1 BRV F . -15.99 14.57 17.38
BR2 BRV F . -11.14 11.71 17.21
BR3 BRV F . -14.70 11.36 12.84
C1 BRV F . -15.16 12.90 15.19
C6 BRV F . -14.27 12.05 14.54
O8 BRV F . -16.26 13.97 13.49
O9 BRV F . -17.56 12.95 14.99
O11 BRV F . -13.18 14.73 18.68
O12 BRV F . -13.23 12.60 19.32
S SO4 G . -15.26 8.20 5.84
O1 SO4 G . -14.14 8.25 4.88
O2 SO4 G . -14.96 9.12 6.97
O3 SO4 G . -16.49 8.66 5.19
O4 SO4 G . -15.42 6.85 6.35
#